data_9J7U
#
_entry.id   9J7U
#
_cell.length_a   1.00
_cell.length_b   1.00
_cell.length_c   1.00
_cell.angle_alpha   90.00
_cell.angle_beta   90.00
_cell.angle_gamma   90.00
#
_symmetry.space_group_name_H-M   'P 1'
#
loop_
_entity.id
_entity.type
_entity.pdbx_description
1 polymer 'Glucose-6-phosphatase catalytic subunit 1'
2 non-polymer 6-O-phosphono-beta-D-glucopyranose
3 non-polymer '(2S)-3-(hexadecanoyloxy)-2-[(9Z)-octadec-9-enoyloxy]propyl 2-(trimethylammonio)ethyl phosphate'
#
_entity_poly.entity_id   1
_entity_poly.type   'polypeptide(L)'
_entity_poly.pdbx_seq_one_letter_code
;MEEGMNVLHDFGIQSTHYLQVNYQDSQDWFILVSVIADLRNAFYVLFPIWFHLQEAVGIKLLWVAVIGDWLNLVFKWILF
GQRPYWWVLDTDYYSNTSVPLIKQFPVTCETGPGSPSGHAMGTAGVYYVMVTSTLSIFQGKIKPTYRFRCLNVILWLGFW
AVQLNVCLSRIYLAAAFPHQVVAGVLSGIAVAETFSHIHSIYNASLKKYFLITFFLFSFAIGFYLLLKGLGVDLLWTLEK
AQRWCEQPEWVHIDTTPFASLLKNLGTLFGLGLALNSSMYRESCKGKLSKWLPFRLSSIVASLVLLHVFDSLKPPSQVEL
VFYVLSFCKSAVVPLASVSVIPYCLAQVLGQP
;
_entity_poly.pdbx_strand_id   A
#
loop_
_chem_comp.id
_chem_comp.type
_chem_comp.name
_chem_comp.formula
BG6 D-saccharide, beta linking 6-O-phosphono-beta-D-glucopyranose 'C6 H13 O9 P'
POV non-polymer '(2S)-3-(hexadecanoyloxy)-2-[(9Z)-octadec-9-enoyloxy]propyl 2-(trimethylammonio)ethyl phosphate' 'C42 H82 N O8 P'
#
# COMPACT_ATOMS: atom_id res chain seq x y z
N MET A 1 9.08 -0.95 -31.23
CA MET A 1 9.00 -1.35 -29.83
C MET A 1 7.58 -1.69 -29.41
N GLU A 2 6.61 -1.16 -30.16
CA GLU A 2 5.21 -1.39 -29.82
C GLU A 2 4.81 -2.85 -30.02
N GLU A 3 5.54 -3.58 -30.87
CA GLU A 3 5.25 -4.99 -31.08
C GLU A 3 5.46 -5.79 -29.80
N GLY A 4 6.53 -5.50 -29.07
CA GLY A 4 6.77 -6.19 -27.81
C GLY A 4 5.70 -5.90 -26.78
N MET A 5 5.29 -4.64 -26.66
CA MET A 5 4.21 -4.30 -25.76
C MET A 5 2.92 -5.02 -26.15
N ASN A 6 2.64 -5.11 -27.45
CA ASN A 6 1.47 -5.86 -27.89
C ASN A 6 1.57 -7.33 -27.52
N VAL A 7 2.77 -7.90 -27.63
CA VAL A 7 2.96 -9.32 -27.31
C VAL A 7 2.68 -9.57 -25.83
N LEU A 8 3.29 -8.75 -24.97
CA LEU A 8 3.04 -8.92 -23.53
C LEU A 8 1.59 -8.66 -23.16
N HIS A 9 0.95 -7.66 -23.79
CA HIS A 9 -0.45 -7.39 -23.50
C HIS A 9 -1.33 -8.56 -23.93
N ASP A 10 -1.08 -9.14 -25.09
CA ASP A 10 -1.85 -10.28 -25.55
C ASP A 10 -1.64 -11.49 -24.64
N PHE A 11 -0.41 -11.70 -24.18
CA PHE A 11 -0.16 -12.78 -23.24
C PHE A 11 -0.93 -12.59 -21.95
N GLY A 12 -0.98 -11.35 -21.44
CA GLY A 12 -1.76 -11.07 -20.25
C GLY A 12 -3.25 -11.30 -20.46
N ILE A 13 -3.77 -10.89 -21.62
CA ILE A 13 -5.18 -11.11 -21.91
C ILE A 13 -5.50 -12.60 -21.96
N GLN A 14 -4.64 -13.38 -22.61
CA GLN A 14 -4.86 -14.82 -22.67
C GLN A 14 -4.81 -15.46 -21.29
N SER A 15 -3.86 -15.02 -20.45
CA SER A 15 -3.78 -15.54 -19.09
C SER A 15 -5.05 -15.23 -18.31
N THR A 16 -5.54 -13.99 -18.40
CA THR A 16 -6.76 -13.63 -17.69
C THR A 16 -7.95 -14.45 -18.17
N HIS A 17 -8.08 -14.62 -19.48
CA HIS A 17 -9.20 -15.40 -20.01
C HIS A 17 -9.14 -16.85 -19.55
N TYR A 18 -7.96 -17.45 -19.59
CA TYR A 18 -7.82 -18.84 -19.15
C TYR A 18 -8.17 -18.98 -17.67
N LEU A 19 -7.64 -18.08 -16.84
CA LEU A 19 -7.92 -18.15 -15.41
C LEU A 19 -9.40 -17.96 -15.13
N GLN A 20 -10.07 -17.07 -15.87
CA GLN A 20 -11.48 -16.79 -15.61
C GLN A 20 -12.38 -17.92 -16.11
N VAL A 21 -11.98 -18.61 -17.18
CA VAL A 21 -12.84 -19.65 -17.73
C VAL A 21 -12.65 -20.97 -17.00
N ASN A 22 -11.41 -21.37 -16.74
CA ASN A 22 -11.14 -22.68 -16.18
C ASN A 22 -11.26 -22.76 -14.67
N TYR A 23 -11.36 -21.63 -13.98
CA TYR A 23 -11.39 -21.61 -12.52
C TYR A 23 -12.51 -20.69 -12.03
N GLN A 24 -13.71 -20.90 -12.56
CA GLN A 24 -14.85 -20.04 -12.25
C GLN A 24 -15.25 -20.08 -10.78
N ASP A 25 -14.81 -21.09 -10.04
CA ASP A 25 -15.23 -21.24 -8.65
C ASP A 25 -14.38 -20.45 -7.65
N SER A 26 -13.27 -19.86 -8.09
CA SER A 26 -12.33 -19.21 -7.20
C SER A 26 -12.42 -17.68 -7.23
N GLN A 27 -13.48 -17.13 -7.83
CA GLN A 27 -13.60 -15.68 -7.90
C GLN A 27 -13.75 -15.07 -6.51
N ASP A 28 -14.49 -15.74 -5.63
CA ASP A 28 -14.62 -15.25 -4.26
C ASP A 28 -13.27 -15.22 -3.55
N TRP A 29 -12.49 -16.29 -3.72
CA TRP A 29 -11.18 -16.35 -3.07
C TRP A 29 -10.26 -15.25 -3.60
N PHE A 30 -10.26 -15.02 -4.91
CA PHE A 30 -9.36 -14.01 -5.46
C PHE A 30 -9.82 -12.60 -5.08
N ILE A 31 -11.13 -12.37 -5.00
CA ILE A 31 -11.63 -11.09 -4.53
C ILE A 31 -11.21 -10.85 -3.09
N LEU A 32 -11.32 -11.88 -2.25
CA LEU A 32 -10.88 -11.75 -0.86
C LEU A 32 -9.39 -11.48 -0.77
N VAL A 33 -8.58 -12.15 -1.60
CA VAL A 33 -7.14 -11.94 -1.58
C VAL A 33 -6.81 -10.50 -1.96
N SER A 34 -7.44 -10.00 -3.02
CA SER A 34 -7.18 -8.62 -3.45
C SER A 34 -7.63 -7.61 -2.41
N VAL A 35 -8.75 -7.89 -1.73
CA VAL A 35 -9.20 -6.99 -0.66
C VAL A 35 -8.21 -6.97 0.49
N ILE A 36 -7.73 -8.14 0.91
CA ILE A 36 -6.79 -8.21 2.03
C ILE A 36 -5.46 -7.55 1.67
N ALA A 37 -5.04 -7.66 0.41
CA ALA A 37 -3.71 -7.16 0.03
C ALA A 37 -3.65 -5.64 -0.02
N ASP A 38 -4.66 -4.94 0.47
CA ASP A 38 -4.69 -3.48 0.38
C ASP A 38 -3.70 -2.85 1.36
N LEU A 39 -3.24 -1.64 1.01
CA LEU A 39 -2.37 -0.86 1.89
C LEU A 39 -3.13 -0.26 3.06
N ARG A 40 -4.46 -0.14 2.94
CA ARG A 40 -5.29 0.27 4.05
C ARG A 40 -5.00 -0.56 5.28
N ASN A 41 -4.91 -1.89 5.09
CA ASN A 41 -4.58 -2.78 6.19
C ASN A 41 -3.18 -2.52 6.73
N ALA A 42 -2.22 -2.29 5.83
CA ALA A 42 -0.85 -2.01 6.27
C ALA A 42 -0.81 -0.79 7.18
N PHE A 43 -1.64 0.21 6.90
CA PHE A 43 -1.65 1.41 7.73
C PHE A 43 -2.54 1.29 8.96
N TYR A 44 -3.54 0.40 8.94
CA TYR A 44 -4.54 0.35 10.00
C TYR A 44 -4.34 -0.76 11.02
N VAL A 45 -3.96 -1.96 10.59
CA VAL A 45 -3.85 -3.11 11.48
C VAL A 45 -2.42 -3.59 11.62
N LEU A 46 -1.64 -3.57 10.53
CA LEU A 46 -0.28 -4.09 10.60
C LEU A 46 0.64 -3.16 11.39
N PHE A 47 0.53 -1.85 11.16
CA PHE A 47 1.41 -0.91 11.84
C PHE A 47 1.23 -0.88 13.35
N PRO A 48 0.02 -0.80 13.91
CA PRO A 48 -0.09 -0.73 15.38
C PRO A 48 0.51 -1.92 16.10
N ILE A 49 0.30 -3.13 15.58
CA ILE A 49 0.81 -4.33 16.25
C ILE A 49 2.33 -4.32 16.29
N TRP A 50 2.96 -4.07 15.15
CA TRP A 50 4.42 -4.10 15.10
C TRP A 50 5.02 -2.94 15.87
N PHE A 51 4.39 -1.76 15.82
CA PHE A 51 4.90 -0.62 16.57
C PHE A 51 4.83 -0.88 18.08
N HIS A 52 3.75 -1.51 18.54
CA HIS A 52 3.62 -1.76 19.97
C HIS A 52 4.31 -3.04 20.39
N LEU A 53 4.86 -3.82 19.46
CA LEU A 53 5.72 -4.95 19.79
C LEU A 53 7.20 -4.61 19.70
N GLN A 54 7.59 -3.81 18.71
CA GLN A 54 8.98 -3.36 18.57
C GLN A 54 8.96 -2.09 17.73
N GLU A 55 9.35 -0.96 18.34
CA GLU A 55 9.12 0.34 17.72
C GLU A 55 9.88 0.49 16.40
N ALA A 56 11.14 0.03 16.37
CA ALA A 56 11.96 0.25 15.18
C ALA A 56 11.37 -0.45 13.97
N VAL A 57 10.85 -1.67 14.16
CA VAL A 57 10.25 -2.40 13.05
C VAL A 57 9.03 -1.65 12.52
N GLY A 58 8.19 -1.12 13.41
CA GLY A 58 7.03 -0.38 12.96
C GLY A 58 7.38 0.88 12.22
N ILE A 59 8.36 1.64 12.73
CA ILE A 59 8.80 2.85 12.03
C ILE A 59 9.33 2.51 10.66
N LYS A 60 10.17 1.47 10.58
CA LYS A 60 10.72 1.06 9.29
C LYS A 60 9.62 0.62 8.34
N LEU A 61 8.62 -0.10 8.85
CA LEU A 61 7.52 -0.58 8.01
C LEU A 61 6.74 0.60 7.43
N LEU A 62 6.40 1.58 8.27
CA LEU A 62 5.63 2.72 7.79
C LEU A 62 6.43 3.54 6.78
N TRP A 63 7.72 3.77 7.06
CA TRP A 63 8.55 4.52 6.12
C TRP A 63 8.65 3.79 4.79
N VAL A 64 8.85 2.47 4.83
CA VAL A 64 8.96 1.69 3.59
C VAL A 64 7.66 1.79 2.80
N ALA A 65 6.53 1.63 3.47
CA ALA A 65 5.24 1.71 2.79
C ALA A 65 5.06 3.07 2.11
N VAL A 66 5.28 4.15 2.85
CA VAL A 66 5.02 5.48 2.31
C VAL A 66 5.97 5.80 1.16
N ILE A 67 7.27 5.55 1.35
CA ILE A 67 8.24 5.92 0.32
C ILE A 67 8.08 5.03 -0.91
N GLY A 68 7.81 3.74 -0.71
CA GLY A 68 7.55 2.87 -1.84
C GLY A 68 6.32 3.29 -2.62
N ASP A 69 5.27 3.72 -1.93
CA ASP A 69 4.07 4.17 -2.62
C ASP A 69 4.34 5.46 -3.40
N TRP A 70 5.13 6.36 -2.83
CA TRP A 70 5.48 7.60 -3.55
C TRP A 70 6.30 7.29 -4.80
N LEU A 71 7.30 6.42 -4.67
CA LEU A 71 8.11 6.04 -5.82
C LEU A 71 7.26 5.32 -6.86
N ASN A 72 6.31 4.51 -6.41
CA ASN A 72 5.40 3.84 -7.32
C ASN A 72 4.56 4.84 -8.10
N LEU A 73 4.06 5.87 -7.42
CA LEU A 73 3.28 6.90 -8.11
C LEU A 73 4.13 7.62 -9.15
N VAL A 74 5.35 8.00 -8.77
CA VAL A 74 6.23 8.72 -9.70
C VAL A 74 6.54 7.87 -10.92
N PHE A 75 6.87 6.59 -10.69
CA PHE A 75 7.23 5.74 -11.82
C PHE A 75 6.02 5.34 -12.65
N LYS A 76 4.83 5.29 -12.03
CA LYS A 76 3.61 5.10 -12.81
C LYS A 76 3.38 6.28 -13.74
N TRP A 77 3.59 7.50 -13.25
CA TRP A 77 3.47 8.67 -14.12
C TRP A 77 4.51 8.64 -15.22
N ILE A 78 5.74 8.22 -14.90
CA ILE A 78 6.82 8.23 -15.88
C ILE A 78 6.60 7.18 -16.97
N LEU A 79 6.18 5.97 -16.58
CA LEU A 79 6.22 4.82 -17.48
C LEU A 79 5.02 4.71 -18.40
N PHE A 80 3.89 5.33 -18.05
CA PHE A 80 2.66 5.28 -18.86
C PHE A 80 2.18 3.83 -19.05
N GLY A 81 1.80 3.20 -17.92
CA GLY A 81 1.31 1.84 -17.96
C GLY A 81 -0.13 1.74 -18.41
N GLN A 82 -0.57 0.50 -18.63
CA GLN A 82 -1.92 0.20 -19.10
C GLN A 82 -2.54 -0.88 -18.23
N ARG A 83 -3.84 -1.10 -18.43
CA ARG A 83 -4.60 -2.14 -17.74
C ARG A 83 -5.36 -2.97 -18.76
N PRO A 84 -5.60 -4.25 -18.47
CA PRO A 84 -6.30 -5.11 -19.44
C PRO A 84 -7.75 -4.71 -19.66
N TYR A 85 -8.45 -4.22 -18.63
CA TYR A 85 -9.89 -4.10 -18.72
C TYR A 85 -10.34 -2.95 -19.62
N TRP A 86 -9.46 -2.00 -19.94
CA TRP A 86 -9.77 -1.07 -21.01
C TRP A 86 -8.94 -1.31 -22.26
N TRP A 87 -7.76 -1.94 -22.14
CA TRP A 87 -6.96 -2.24 -23.32
C TRP A 87 -7.68 -3.22 -24.24
N VAL A 88 -8.33 -4.24 -23.67
CA VAL A 88 -9.00 -5.23 -24.52
C VAL A 88 -10.18 -4.62 -25.26
N LEU A 89 -10.82 -3.60 -24.68
CA LEU A 89 -11.95 -2.94 -25.32
C LEU A 89 -11.54 -1.75 -26.18
N ASP A 90 -10.27 -1.32 -26.10
CA ASP A 90 -9.81 -0.15 -26.86
C ASP A 90 -8.81 -0.49 -27.95
N THR A 91 -8.12 -1.62 -27.85
CA THR A 91 -7.04 -1.91 -28.78
C THR A 91 -7.56 -2.23 -30.17
N ASP A 92 -6.66 -2.14 -31.14
CA ASP A 92 -6.92 -2.53 -32.52
C ASP A 92 -6.42 -3.94 -32.81
N TYR A 93 -5.76 -4.57 -31.85
CA TYR A 93 -5.13 -5.88 -32.08
C TYR A 93 -6.14 -6.93 -32.50
N TYR A 94 -7.28 -7.00 -31.80
CA TYR A 94 -8.31 -8.00 -32.09
C TYR A 94 -9.30 -7.46 -33.13
N SER A 95 -8.78 -7.13 -34.31
CA SER A 95 -9.59 -6.62 -35.40
C SER A 95 -9.83 -7.66 -36.48
N ASN A 96 -8.78 -8.34 -36.92
CA ASN A 96 -8.92 -9.41 -37.90
C ASN A 96 -9.31 -10.74 -37.27
N THR A 97 -9.45 -10.79 -35.95
CA THR A 97 -9.81 -12.01 -35.24
C THR A 97 -10.90 -11.71 -34.21
N SER A 98 -11.18 -12.68 -33.34
CA SER A 98 -12.22 -12.51 -32.31
C SER A 98 -11.63 -11.89 -31.05
N VAL A 99 -12.41 -11.03 -30.42
CA VAL A 99 -11.98 -10.39 -29.17
C VAL A 99 -12.18 -11.38 -28.02
N PRO A 100 -11.15 -11.64 -27.22
CA PRO A 100 -11.34 -12.49 -26.04
C PRO A 100 -12.36 -11.87 -25.09
N LEU A 101 -13.17 -12.72 -24.48
CA LEU A 101 -14.27 -12.29 -23.62
C LEU A 101 -13.82 -12.40 -22.16
N ILE A 102 -13.31 -11.29 -21.63
CA ILE A 102 -12.92 -11.22 -20.23
C ILE A 102 -13.96 -10.41 -19.48
N LYS A 103 -14.27 -10.85 -18.26
CA LYS A 103 -15.36 -10.30 -17.47
C LYS A 103 -14.82 -9.36 -16.40
N GLN A 104 -15.53 -8.26 -16.17
CA GLN A 104 -15.12 -7.24 -15.22
C GLN A 104 -15.85 -7.41 -13.89
N PHE A 105 -15.18 -7.04 -12.82
CA PHE A 105 -15.66 -7.21 -11.45
C PHE A 105 -15.73 -5.86 -10.76
N PRO A 106 -16.48 -5.75 -9.66
CA PRO A 106 -16.62 -4.45 -9.00
C PRO A 106 -15.31 -3.84 -8.54
N VAL A 107 -14.30 -4.66 -8.24
CA VAL A 107 -13.01 -4.17 -7.78
C VAL A 107 -11.98 -4.14 -8.91
N THR A 108 -12.43 -4.09 -10.17
CA THR A 108 -11.54 -4.07 -11.32
C THR A 108 -11.25 -2.68 -11.83
N CYS A 109 -12.27 -1.82 -11.93
CA CYS A 109 -12.11 -0.51 -12.57
C CYS A 109 -11.23 0.38 -11.72
N GLU A 110 -10.01 0.64 -12.22
CA GLU A 110 -9.02 1.47 -11.53
C GLU A 110 -8.63 2.64 -12.42
N THR A 111 -8.36 3.78 -11.79
CA THR A 111 -8.15 5.03 -12.50
C THR A 111 -6.70 5.46 -12.59
N GLY A 112 -5.75 4.58 -12.27
CA GLY A 112 -4.35 4.91 -12.36
C GLY A 112 -3.65 4.16 -13.47
N PRO A 113 -2.42 4.56 -13.79
CA PRO A 113 -1.64 3.83 -14.80
C PRO A 113 -1.25 2.46 -14.32
N GLY A 114 -0.87 1.62 -15.27
CA GLY A 114 -0.67 0.20 -14.99
C GLY A 114 0.63 -0.17 -14.29
N SER A 115 1.77 0.06 -14.95
CA SER A 115 3.02 -0.47 -14.44
C SER A 115 3.80 0.59 -13.67
N PRO A 116 4.47 0.20 -12.57
CA PRO A 116 4.47 -1.15 -11.99
C PRO A 116 3.21 -1.41 -11.16
N SER A 117 2.99 -2.66 -10.77
CA SER A 117 1.82 -2.99 -9.98
C SER A 117 1.97 -2.46 -8.56
N GLY A 118 0.94 -1.78 -8.07
CA GLY A 118 0.96 -1.21 -6.75
C GLY A 118 0.69 -2.21 -5.64
N HIS A 119 -0.24 -3.14 -5.89
CA HIS A 119 -0.57 -4.14 -4.88
C HIS A 119 0.63 -5.05 -4.62
N ALA A 120 1.26 -5.54 -5.68
CA ALA A 120 2.39 -6.45 -5.53
C ALA A 120 3.56 -5.76 -4.82
N MET A 121 3.89 -4.53 -5.23
CA MET A 121 4.99 -3.81 -4.60
C MET A 121 4.68 -3.51 -3.13
N GLY A 122 3.48 -3.02 -2.84
CA GLY A 122 3.12 -2.68 -1.49
C GLY A 122 3.12 -3.89 -0.56
N THR A 123 2.68 -5.04 -1.06
CA THR A 123 2.69 -6.23 -0.23
C THR A 123 4.11 -6.81 -0.10
N ALA A 124 4.90 -6.75 -1.17
CA ALA A 124 6.24 -7.33 -1.14
C ALA A 124 7.13 -6.59 -0.15
N GLY A 125 7.13 -5.26 -0.21
CA GLY A 125 7.99 -4.50 0.71
C GLY A 125 7.64 -4.76 2.16
N VAL A 126 6.34 -4.68 2.49
CA VAL A 126 5.91 -4.83 3.88
C VAL A 126 6.20 -6.24 4.38
N TYR A 127 5.90 -7.26 3.57
CA TYR A 127 6.08 -8.62 4.05
C TYR A 127 7.56 -9.01 4.12
N TYR A 128 8.39 -8.48 3.22
CA TYR A 128 9.83 -8.68 3.36
C TYR A 128 10.33 -8.04 4.64
N VAL A 129 9.88 -6.83 4.95
CA VAL A 129 10.29 -6.18 6.19
C VAL A 129 9.90 -7.03 7.39
N MET A 130 8.66 -7.52 7.42
CA MET A 130 8.18 -8.28 8.56
C MET A 130 8.94 -9.60 8.70
N VAL A 131 9.15 -10.32 7.60
CA VAL A 131 9.83 -11.61 7.66
C VAL A 131 11.27 -11.44 8.11
N THR A 132 11.98 -10.46 7.54
CA THR A 132 13.36 -10.22 7.94
C THR A 132 13.45 -9.81 9.40
N SER A 133 12.53 -8.96 9.85
CA SER A 133 12.55 -8.56 11.26
C SER A 133 12.30 -9.75 12.19
N THR A 134 11.35 -10.62 11.83
CA THR A 134 11.09 -11.79 12.65
C THR A 134 12.30 -12.72 12.72
N LEU A 135 12.95 -12.95 11.58
CA LEU A 135 14.13 -13.80 11.56
C LEU A 135 15.26 -13.19 12.39
N SER A 136 15.40 -11.86 12.34
CA SER A 136 16.42 -11.21 13.16
C SER A 136 16.09 -11.33 14.65
N ILE A 137 14.81 -11.24 15.01
CA ILE A 137 14.42 -11.31 16.42
C ILE A 137 14.64 -12.72 16.98
N PHE A 138 14.35 -13.76 16.21
CA PHE A 138 14.33 -15.11 16.76
C PHE A 138 15.63 -15.88 16.56
N GLN A 139 16.78 -15.21 16.68
CA GLN A 139 18.06 -15.92 16.70
C GLN A 139 18.46 -16.33 18.11
N GLY A 140 17.55 -16.98 18.83
CA GLY A 140 17.82 -17.38 20.20
C GLY A 140 17.25 -18.72 20.60
N LYS A 141 17.10 -19.63 19.64
CA LYS A 141 16.41 -20.89 19.88
C LYS A 141 17.24 -21.82 20.76
N ILE A 142 16.56 -22.83 21.31
CA ILE A 142 17.21 -23.79 22.21
C ILE A 142 18.18 -24.67 21.43
N LYS A 143 17.67 -25.44 20.47
CA LYS A 143 18.50 -26.31 19.65
C LYS A 143 18.68 -25.66 18.29
N PRO A 144 19.86 -25.16 17.96
CA PRO A 144 20.04 -24.48 16.68
C PRO A 144 20.42 -25.41 15.55
N THR A 145 20.67 -24.82 14.38
CA THR A 145 21.21 -25.49 13.20
C THR A 145 20.25 -26.48 12.56
N TYR A 146 19.13 -26.77 13.22
CA TYR A 146 18.03 -27.39 12.47
C TYR A 146 16.69 -26.74 12.74
N ARG A 147 16.43 -26.31 13.98
CA ARG A 147 15.15 -25.66 14.28
C ARG A 147 15.08 -24.27 13.67
N PHE A 148 16.16 -23.50 13.78
CA PHE A 148 16.19 -22.19 13.15
C PHE A 148 16.10 -22.32 11.63
N ARG A 149 16.76 -23.33 11.06
CA ARG A 149 16.66 -23.55 9.63
C ARG A 149 15.22 -23.93 9.25
N CYS A 150 14.55 -24.71 10.09
CA CYS A 150 13.15 -25.05 9.83
C CYS A 150 12.28 -23.80 9.82
N LEU A 151 12.47 -22.91 10.79
CA LEU A 151 11.70 -21.68 10.82
C LEU A 151 12.01 -20.81 9.60
N ASN A 152 13.28 -20.74 9.21
CA ASN A 152 13.67 -19.96 8.04
C ASN A 152 12.98 -20.49 6.79
N VAL A 153 13.00 -21.81 6.60
CA VAL A 153 12.37 -22.41 5.43
C VAL A 153 10.87 -22.14 5.42
N ILE A 154 10.22 -22.32 6.57
CA ILE A 154 8.77 -22.12 6.64
C ILE A 154 8.41 -20.68 6.30
N LEU A 155 9.13 -19.72 6.89
CA LEU A 155 8.81 -18.31 6.67
C LEU A 155 9.06 -17.91 5.22
N TRP A 156 10.18 -18.35 4.64
CA TRP A 156 10.46 -17.97 3.26
C TRP A 156 9.58 -18.70 2.25
N LEU A 157 8.99 -19.83 2.65
CA LEU A 157 7.95 -20.44 1.80
C LEU A 157 6.65 -19.66 1.89
N GLY A 158 6.28 -19.24 3.10
CA GLY A 158 5.05 -18.47 3.27
C GLY A 158 5.07 -17.14 2.54
N PHE A 159 6.23 -16.48 2.57
CA PHE A 159 6.35 -15.20 1.87
C PHE A 159 6.09 -15.35 0.38
N TRP A 160 6.68 -16.37 -0.24
CA TRP A 160 6.50 -16.56 -1.67
C TRP A 160 5.11 -17.07 -2.00
N ALA A 161 4.49 -17.84 -1.09
CA ALA A 161 3.09 -18.22 -1.29
C ALA A 161 2.20 -17.00 -1.30
N VAL A 162 2.42 -16.06 -0.38
CA VAL A 162 1.64 -14.83 -0.36
C VAL A 162 1.85 -14.04 -1.64
N GLN A 163 3.10 -13.93 -2.10
CA GLN A 163 3.38 -13.17 -3.31
C GLN A 163 2.71 -13.80 -4.53
N LEU A 164 2.77 -15.12 -4.64
CA LEU A 164 2.12 -15.80 -5.76
C LEU A 164 0.60 -15.61 -5.72
N ASN A 165 0.02 -15.70 -4.52
CA ASN A 165 -1.42 -15.48 -4.40
C ASN A 165 -1.81 -14.08 -4.86
N VAL A 166 -1.04 -13.06 -4.44
CA VAL A 166 -1.36 -11.69 -4.82
C VAL A 166 -1.21 -11.49 -6.32
N CYS A 167 -0.16 -12.05 -6.91
CA CYS A 167 0.03 -11.91 -8.36
C CYS A 167 -1.12 -12.56 -9.13
N LEU A 168 -1.51 -13.77 -8.72
CA LEU A 168 -2.62 -14.44 -9.40
C LEU A 168 -3.92 -13.68 -9.21
N SER A 169 -4.12 -13.10 -8.03
CA SER A 169 -5.32 -12.31 -7.78
C SER A 169 -5.38 -11.09 -8.68
N ARG A 170 -4.27 -10.38 -8.82
CA ARG A 170 -4.26 -9.20 -9.68
C ARG A 170 -4.47 -9.57 -11.14
N ILE A 171 -3.93 -10.72 -11.57
CA ILE A 171 -4.11 -11.13 -12.97
C ILE A 171 -5.55 -11.56 -13.22
N TYR A 172 -6.16 -12.26 -12.26
CA TYR A 172 -7.50 -12.81 -12.47
C TYR A 172 -8.55 -11.73 -12.65
N LEU A 173 -8.46 -10.65 -11.87
CA LEU A 173 -9.47 -9.59 -11.88
C LEU A 173 -9.35 -8.67 -13.09
N ALA A 174 -8.51 -9.01 -14.06
CA ALA A 174 -8.32 -8.19 -15.27
C ALA A 174 -7.90 -6.77 -14.93
N ALA A 175 -7.03 -6.63 -13.93
CA ALA A 175 -6.55 -5.34 -13.49
C ALA A 175 -5.06 -5.12 -13.71
N ALA A 176 -4.30 -6.15 -14.07
CA ALA A 176 -2.87 -6.00 -14.26
C ALA A 176 -2.38 -7.10 -15.19
N PHE A 177 -1.18 -6.90 -15.73
CA PHE A 177 -0.52 -7.82 -16.63
C PHE A 177 0.53 -8.63 -15.89
N PRO A 178 0.92 -9.80 -16.41
CA PRO A 178 1.90 -10.62 -15.68
C PRO A 178 3.25 -9.96 -15.46
N HIS A 179 3.72 -9.10 -16.36
CA HIS A 179 5.02 -8.47 -16.16
C HIS A 179 4.96 -7.36 -15.13
N GLN A 180 3.82 -6.67 -15.02
CA GLN A 180 3.71 -5.56 -14.08
C GLN A 180 3.81 -6.04 -12.64
N VAL A 181 3.20 -7.19 -12.33
CA VAL A 181 3.25 -7.70 -10.96
C VAL A 181 4.66 -8.17 -10.59
N VAL A 182 5.37 -8.78 -11.55
CA VAL A 182 6.74 -9.19 -11.30
C VAL A 182 7.63 -7.98 -11.06
N ALA A 183 7.48 -6.95 -11.90
CA ALA A 183 8.26 -5.73 -11.71
C ALA A 183 7.94 -5.08 -10.35
N GLY A 184 6.66 -5.08 -9.97
CA GLY A 184 6.31 -4.54 -8.66
C GLY A 184 6.92 -5.32 -7.52
N VAL A 185 6.94 -6.65 -7.62
CA VAL A 185 7.55 -7.46 -6.57
C VAL A 185 9.03 -7.15 -6.45
N LEU A 186 9.73 -7.10 -7.59
CA LEU A 186 11.17 -6.82 -7.55
C LEU A 186 11.45 -5.42 -7.01
N SER A 187 10.63 -4.43 -7.40
CA SER A 187 10.83 -3.07 -6.92
C SER A 187 10.59 -2.98 -5.41
N GLY A 188 9.55 -3.67 -4.91
CA GLY A 188 9.32 -3.68 -3.47
C GLY A 188 10.45 -4.34 -2.71
N ILE A 189 10.99 -5.43 -3.25
CA ILE A 189 12.13 -6.09 -2.62
C ILE A 189 13.33 -5.13 -2.57
N ALA A 190 13.59 -4.44 -3.68
CA ALA A 190 14.72 -3.51 -3.72
C ALA A 190 14.55 -2.38 -2.72
N VAL A 191 13.34 -1.83 -2.62
CA VAL A 191 13.10 -0.73 -1.69
C VAL A 191 13.26 -1.20 -0.24
N ALA A 192 12.69 -2.36 0.09
CA ALA A 192 12.80 -2.87 1.44
C ALA A 192 14.24 -3.20 1.80
N GLU A 193 15.04 -3.64 0.83
CA GLU A 193 16.46 -3.89 1.10
C GLU A 193 17.25 -2.59 1.21
N THR A 194 16.90 -1.56 0.43
CA THR A 194 17.61 -0.29 0.51
C THR A 194 17.37 0.40 1.85
N PHE A 195 16.14 0.36 2.35
CA PHE A 195 15.95 0.95 3.69
C PHE A 195 16.57 0.15 4.81
N SER A 196 17.33 -0.91 4.58
CA SER A 196 18.00 -1.60 5.68
C SER A 196 19.34 -0.98 6.03
N HIS A 197 19.78 0.04 5.29
CA HIS A 197 21.05 0.71 5.55
C HIS A 197 20.88 2.18 5.92
N ILE A 198 19.67 2.70 5.93
CA ILE A 198 19.40 4.10 6.26
C ILE A 198 19.03 4.17 7.74
N HIS A 199 19.83 4.91 8.52
CA HIS A 199 19.64 4.98 9.96
C HIS A 199 19.21 6.34 10.46
N SER A 200 19.18 7.36 9.61
CA SER A 200 18.75 8.69 10.04
C SER A 200 17.25 8.88 9.83
N ILE A 201 16.48 7.91 10.31
CA ILE A 201 15.03 8.01 10.32
C ILE A 201 14.41 7.65 11.66
N TYR A 202 15.16 7.06 12.58
CA TYR A 202 14.58 6.61 13.85
C TYR A 202 14.50 7.73 14.88
N ASN A 203 15.41 8.71 14.81
CA ASN A 203 15.39 9.88 15.68
C ASN A 203 15.54 11.12 14.81
N ALA A 204 14.42 11.62 14.31
CA ALA A 204 14.39 12.77 13.41
C ALA A 204 13.49 13.85 13.99
N SER A 205 13.94 15.09 13.91
CA SER A 205 13.17 16.20 14.45
C SER A 205 11.99 16.52 13.54
N LEU A 206 11.07 17.34 14.07
CA LEU A 206 9.89 17.73 13.29
C LEU A 206 10.28 18.56 12.08
N LYS A 207 11.37 19.32 12.16
CA LYS A 207 11.79 20.11 11.02
C LYS A 207 12.15 19.23 9.82
N LYS A 208 12.87 18.14 10.07
CA LYS A 208 13.23 17.24 8.98
C LYS A 208 12.00 16.57 8.38
N TYR A 209 11.06 16.15 9.23
CA TYR A 209 9.82 15.56 8.72
C TYR A 209 9.06 16.56 7.85
N PHE A 210 8.96 17.80 8.32
CA PHE A 210 8.25 18.82 7.57
C PHE A 210 8.93 19.11 6.23
N LEU A 211 10.26 19.21 6.23
CA LEU A 211 10.96 19.49 4.98
C LEU A 211 10.85 18.33 4.00
N ILE A 212 10.97 17.09 4.49
CA ILE A 212 10.82 15.93 3.61
C ILE A 212 9.42 15.88 3.02
N THR A 213 8.39 16.11 3.85
CA THR A 213 7.02 16.09 3.36
C THR A 213 6.78 17.20 2.33
N PHE A 214 7.27 18.41 2.61
CA PHE A 214 7.08 19.50 1.66
C PHE A 214 7.82 19.24 0.35
N PHE A 215 9.02 18.66 0.42
CA PHE A 215 9.74 18.33 -0.79
C PHE A 215 9.01 17.26 -1.59
N LEU A 216 8.47 16.25 -0.91
CA LEU A 216 7.73 15.19 -1.61
C LEU A 216 6.48 15.74 -2.28
N PHE A 217 5.78 16.66 -1.61
CA PHE A 217 4.60 17.28 -2.22
C PHE A 217 5.01 18.15 -3.41
N SER A 218 6.03 18.99 -3.22
CA SER A 218 6.40 19.98 -4.23
C SER A 218 6.97 19.33 -5.47
N PHE A 219 7.74 18.26 -5.32
CA PHE A 219 8.30 17.59 -6.50
C PHE A 219 7.19 17.04 -7.38
N ALA A 220 6.21 16.36 -6.77
CA ALA A 220 5.11 15.80 -7.55
C ALA A 220 4.27 16.89 -8.21
N ILE A 221 3.93 17.93 -7.45
CA ILE A 221 3.10 18.99 -8.02
C ILE A 221 3.84 19.76 -9.10
N GLY A 222 5.13 20.03 -8.89
CA GLY A 222 5.91 20.70 -9.91
C GLY A 222 6.10 19.86 -11.15
N PHE A 223 6.27 18.54 -10.99
CA PHE A 223 6.34 17.65 -12.14
C PHE A 223 5.05 17.72 -12.95
N TYR A 224 3.90 17.64 -12.25
CA TYR A 224 2.62 17.69 -12.93
C TYR A 224 2.43 19.00 -13.67
N LEU A 225 2.71 20.13 -13.01
CA LEU A 225 2.54 21.43 -13.65
C LEU A 225 3.51 21.64 -14.80
N LEU A 226 4.78 21.25 -14.61
CA LEU A 226 5.77 21.44 -15.66
C LEU A 226 5.41 20.64 -16.91
N LEU A 227 4.93 19.41 -16.73
CA LEU A 227 4.52 18.64 -17.91
C LEU A 227 3.22 19.20 -18.50
N LYS A 228 2.30 19.66 -17.66
CA LYS A 228 1.05 20.22 -18.16
C LYS A 228 1.28 21.49 -18.96
N GLY A 229 2.36 22.23 -18.66
CA GLY A 229 2.70 23.41 -19.41
C GLY A 229 3.50 23.16 -20.67
N LEU A 230 3.72 21.89 -21.03
CA LEU A 230 4.51 21.56 -22.20
C LEU A 230 3.78 20.65 -23.19
N GLY A 231 2.48 20.43 -22.98
CA GLY A 231 1.68 19.68 -23.92
C GLY A 231 1.39 18.24 -23.57
N VAL A 232 1.77 17.77 -22.38
CA VAL A 232 1.53 16.40 -21.95
C VAL A 232 0.86 16.42 -20.58
N ASP A 233 -0.15 15.57 -20.41
CA ASP A 233 -0.90 15.46 -19.16
C ASP A 233 -0.70 14.08 -18.57
N LEU A 234 -0.53 14.02 -17.25
CA LEU A 234 -0.31 12.77 -16.55
C LEU A 234 -1.59 12.16 -15.98
N LEU A 235 -2.75 12.75 -16.26
CA LEU A 235 -4.03 12.26 -15.78
C LEU A 235 -4.91 11.80 -16.93
N TRP A 236 -4.31 11.11 -17.91
CA TRP A 236 -5.04 10.62 -19.07
C TRP A 236 -5.88 9.38 -18.76
N THR A 237 -5.65 8.74 -17.61
CA THR A 237 -6.36 7.51 -17.28
C THR A 237 -7.77 7.76 -16.74
N LEU A 238 -8.07 8.99 -16.32
CA LEU A 238 -9.39 9.28 -15.79
C LEU A 238 -10.46 9.29 -16.87
N GLU A 239 -10.08 9.51 -18.12
CA GLU A 239 -11.03 9.43 -19.23
C GLU A 239 -11.09 8.03 -19.84
N LYS A 240 -10.14 7.16 -19.54
CA LYS A 240 -10.17 5.79 -20.03
C LYS A 240 -10.82 4.84 -19.04
N ALA A 241 -10.70 5.11 -17.74
CA ALA A 241 -11.37 4.34 -16.72
C ALA A 241 -12.79 4.82 -16.46
N GLN A 242 -13.37 5.56 -17.39
CA GLN A 242 -14.73 6.09 -17.25
C GLN A 242 -15.66 5.57 -18.33
N ARG A 243 -15.25 5.60 -19.60
CA ARG A 243 -16.07 5.02 -20.66
C ARG A 243 -15.97 3.50 -20.68
N TRP A 244 -14.79 2.95 -20.37
CA TRP A 244 -14.59 1.51 -20.37
C TRP A 244 -14.76 0.96 -18.96
N CYS A 245 -15.99 1.08 -18.46
CA CYS A 245 -16.37 0.46 -17.19
C CYS A 245 -17.85 0.12 -17.30
N GLU A 246 -18.18 -1.13 -16.95
CA GLU A 246 -19.52 -1.64 -17.23
C GLU A 246 -20.59 -0.85 -16.49
N GLN A 247 -20.34 -0.51 -15.23
CA GLN A 247 -21.31 0.25 -14.46
C GLN A 247 -20.72 1.55 -13.98
N PRO A 248 -21.48 2.66 -14.03
CA PRO A 248 -20.91 3.96 -13.62
C PRO A 248 -20.49 4.04 -12.17
N GLU A 249 -21.17 3.32 -11.27
CA GLU A 249 -20.86 3.44 -9.85
C GLU A 249 -19.59 2.70 -9.45
N TRP A 250 -18.97 1.95 -10.35
CA TRP A 250 -17.76 1.21 -10.03
C TRP A 250 -16.50 2.08 -10.03
N VAL A 251 -16.57 3.28 -10.61
CA VAL A 251 -15.42 4.18 -10.67
C VAL A 251 -15.46 5.10 -9.46
N HIS A 252 -14.39 5.10 -8.67
CA HIS A 252 -14.36 5.83 -7.41
C HIS A 252 -13.23 6.85 -7.41
N ILE A 253 -13.46 7.95 -6.71
CA ILE A 253 -12.44 8.98 -6.55
C ILE A 253 -11.32 8.52 -5.62
N ASP A 254 -11.55 7.48 -4.83
CA ASP A 254 -10.60 7.02 -3.84
C ASP A 254 -9.32 6.45 -4.45
N THR A 255 -9.33 6.10 -5.74
CA THR A 255 -8.19 5.45 -6.38
C THR A 255 -7.43 6.39 -7.32
N THR A 256 -7.65 7.69 -7.21
CA THR A 256 -6.95 8.63 -8.05
C THR A 256 -5.57 8.94 -7.49
N PRO A 257 -4.61 9.32 -8.35
CA PRO A 257 -3.25 9.59 -7.85
C PRO A 257 -3.17 10.67 -6.79
N PHE A 258 -3.93 11.76 -6.92
CA PHE A 258 -3.90 12.82 -5.92
C PHE A 258 -4.36 12.34 -4.56
N ALA A 259 -5.42 11.52 -4.53
CA ALA A 259 -5.89 11.00 -3.25
C ALA A 259 -4.81 10.15 -2.58
N SER A 260 -4.13 9.29 -3.36
CA SER A 260 -3.07 8.46 -2.80
C SER A 260 -1.92 9.31 -2.27
N LEU A 261 -1.51 10.31 -3.05
CA LEU A 261 -0.41 11.18 -2.62
C LEU A 261 -0.76 11.91 -1.33
N LEU A 262 -1.98 12.45 -1.27
CA LEU A 262 -2.39 13.19 -0.08
C LEU A 262 -2.47 12.28 1.13
N LYS A 263 -2.98 11.05 0.95
CA LYS A 263 -3.05 10.12 2.07
C LYS A 263 -1.66 9.73 2.58
N ASN A 264 -0.73 9.46 1.66
CA ASN A 264 0.63 9.11 2.07
C ASN A 264 1.30 10.27 2.82
N LEU A 265 1.19 11.48 2.28
CA LEU A 265 1.81 12.62 2.94
C LEU A 265 1.16 12.89 4.29
N GLY A 266 -0.15 12.70 4.39
CA GLY A 266 -0.81 12.85 5.68
C GLY A 266 -0.33 11.85 6.70
N THR A 267 -0.15 10.59 6.28
CA THR A 267 0.37 9.58 7.21
C THR A 267 1.77 9.93 7.68
N LEU A 268 2.63 10.36 6.76
CA LEU A 268 4.01 10.70 7.13
C LEU A 268 4.04 11.89 8.09
N PHE A 269 3.26 12.94 7.79
CA PHE A 269 3.22 14.09 8.67
C PHE A 269 2.63 13.75 10.03
N GLY A 270 1.63 12.87 10.06
CA GLY A 270 1.08 12.44 11.33
C GLY A 270 2.07 11.68 12.17
N LEU A 271 2.86 10.81 11.53
CA LEU A 271 3.93 10.13 12.27
C LEU A 271 4.95 11.13 12.79
N GLY A 272 5.31 12.12 11.97
CA GLY A 272 6.25 13.13 12.42
C GLY A 272 5.75 13.91 13.62
N LEU A 273 4.46 14.27 13.62
CA LEU A 273 3.88 14.96 14.76
C LEU A 273 3.81 14.06 15.99
N ALA A 274 3.44 12.78 15.80
CA ALA A 274 3.26 11.90 16.95
C ALA A 274 4.58 11.58 17.62
N LEU A 275 5.64 11.35 16.84
CA LEU A 275 6.93 10.98 17.43
C LEU A 275 7.49 12.10 18.28
N ASN A 276 7.38 13.35 17.82
CA ASN A 276 7.89 14.51 18.54
C ASN A 276 6.73 15.20 19.27
N SER A 277 6.32 14.60 20.38
CA SER A 277 5.23 15.17 21.17
C SER A 277 5.41 14.79 22.63
N SER A 278 4.82 15.59 23.51
CA SER A 278 4.94 15.36 24.95
C SER A 278 4.15 14.12 25.37
N MET A 279 3.00 13.89 24.75
CA MET A 279 2.19 12.72 25.10
C MET A 279 2.92 11.43 24.78
N TYR A 280 3.62 11.37 23.64
CA TYR A 280 4.37 10.18 23.28
C TYR A 280 5.48 9.89 24.28
N ARG A 281 6.19 10.93 24.72
CA ARG A 281 7.23 10.73 25.72
C ARG A 281 6.64 10.31 27.07
N GLU A 282 5.52 10.91 27.47
CA GLU A 282 4.92 10.60 28.75
C GLU A 282 4.29 9.23 28.78
N SER A 283 3.91 8.67 27.63
CA SER A 283 3.18 7.40 27.58
C SER A 283 4.07 6.24 27.17
N CYS A 284 4.72 6.34 26.02
CA CYS A 284 5.49 5.23 25.47
C CYS A 284 6.92 5.17 25.99
N LYS A 285 7.31 6.10 26.86
CA LYS A 285 8.65 6.12 27.46
C LYS A 285 8.56 6.33 28.95
N GLY A 286 7.68 5.59 29.60
CA GLY A 286 7.48 5.70 31.04
C GLY A 286 7.59 4.37 31.76
N LYS A 287 7.02 4.30 32.97
CA LYS A 287 7.10 3.08 33.75
C LYS A 287 6.23 1.97 33.15
N LEU A 288 5.07 2.31 32.61
CA LEU A 288 4.24 1.34 31.89
C LEU A 288 4.54 1.38 30.39
N SER A 289 5.79 1.09 30.05
CA SER A 289 6.24 1.09 28.67
C SER A 289 6.44 -0.32 28.13
N LYS A 290 7.24 -1.13 28.80
CA LYS A 290 7.51 -2.50 28.37
C LYS A 290 6.57 -3.52 28.98
N TRP A 291 5.63 -3.08 29.83
CA TRP A 291 4.70 -3.99 30.47
C TRP A 291 3.76 -4.59 29.43
N LEU A 292 3.69 -5.92 29.39
CA LEU A 292 2.92 -6.59 28.33
C LEU A 292 1.43 -6.25 28.36
N PRO A 293 0.73 -6.24 29.50
CA PRO A 293 -0.69 -5.89 29.45
C PRO A 293 -0.97 -4.52 28.87
N PHE A 294 -0.12 -3.53 29.16
CA PHE A 294 -0.32 -2.20 28.58
C PHE A 294 -0.22 -2.23 27.07
N ARG A 295 0.79 -2.93 26.53
CA ARG A 295 0.95 -3.01 25.09
C ARG A 295 -0.20 -3.76 24.44
N LEU A 296 -0.66 -4.85 25.07
CA LEU A 296 -1.79 -5.58 24.52
C LEU A 296 -3.06 -4.73 24.50
N SER A 297 -3.29 -3.98 25.59
CA SER A 297 -4.44 -3.08 25.63
C SER A 297 -4.34 -2.01 24.56
N SER A 298 -3.13 -1.47 24.36
CA SER A 298 -2.94 -0.47 23.31
C SER A 298 -3.25 -1.04 21.94
N ILE A 299 -2.80 -2.26 21.67
CA ILE A 299 -3.07 -2.89 20.37
C ILE A 299 -4.57 -3.08 20.19
N VAL A 300 -5.25 -3.61 21.21
CA VAL A 300 -6.67 -3.90 21.09
C VAL A 300 -7.47 -2.61 20.87
N ALA A 301 -7.19 -1.59 21.67
CA ALA A 301 -7.92 -0.34 21.54
C ALA A 301 -7.64 0.35 20.21
N SER A 302 -6.37 0.40 19.80
CA SER A 302 -6.03 1.05 18.54
C SER A 302 -6.49 0.26 17.34
N LEU A 303 -6.87 -1.01 17.52
CA LEU A 303 -7.52 -1.74 16.43
C LEU A 303 -9.01 -1.45 16.40
N VAL A 304 -9.69 -1.56 17.54
CA VAL A 304 -11.14 -1.39 17.57
C VAL A 304 -11.53 0.03 17.20
N LEU A 305 -10.90 1.03 17.83
CA LEU A 305 -11.28 2.41 17.58
C LEU A 305 -10.96 2.83 16.15
N LEU A 306 -9.83 2.37 15.61
CA LEU A 306 -9.51 2.69 14.23
C LEU A 306 -10.50 2.04 13.27
N HIS A 307 -10.91 0.81 13.55
CA HIS A 307 -11.90 0.16 12.69
C HIS A 307 -13.23 0.93 12.70
N VAL A 308 -13.66 1.38 13.88
CA VAL A 308 -14.90 2.15 13.96
C VAL A 308 -14.74 3.50 13.26
N PHE A 309 -13.59 4.15 13.45
CA PHE A 309 -13.35 5.47 12.88
C PHE A 309 -13.22 5.45 11.37
N ASP A 310 -12.84 4.30 10.79
CA ASP A 310 -12.75 4.22 9.33
C ASP A 310 -14.10 4.37 8.64
N SER A 311 -15.21 4.29 9.39
CA SER A 311 -16.54 4.42 8.82
C SER A 311 -16.92 5.86 8.50
N LEU A 312 -16.11 6.84 8.92
CA LEU A 312 -16.37 8.24 8.61
C LEU A 312 -15.75 8.56 7.26
N LYS A 313 -16.61 8.76 6.26
CA LYS A 313 -16.15 8.99 4.89
C LYS A 313 -16.34 10.45 4.51
N PRO A 314 -15.30 11.11 4.02
CA PRO A 314 -15.43 12.53 3.67
C PRO A 314 -16.36 12.71 2.48
N PRO A 315 -17.02 13.86 2.37
CA PRO A 315 -17.87 14.11 1.19
C PRO A 315 -17.03 14.14 -0.08
N SER A 316 -17.62 13.63 -1.15
CA SER A 316 -16.96 13.59 -2.46
C SER A 316 -17.58 14.56 -3.46
N GLN A 317 -18.50 15.42 -3.01
CA GLN A 317 -19.16 16.34 -3.93
C GLN A 317 -18.17 17.35 -4.51
N VAL A 318 -17.30 17.90 -3.68
CA VAL A 318 -16.30 18.88 -4.11
C VAL A 318 -14.92 18.23 -3.98
N GLU A 319 -14.13 18.30 -5.05
CA GLU A 319 -12.89 17.54 -5.11
C GLU A 319 -11.85 18.09 -4.13
N LEU A 320 -11.72 19.41 -4.04
CA LEU A 320 -10.73 20.00 -3.14
C LEU A 320 -11.04 19.70 -1.69
N VAL A 321 -12.32 19.78 -1.31
CA VAL A 321 -12.72 19.42 0.05
C VAL A 321 -12.39 17.95 0.31
N PHE A 322 -12.62 17.09 -0.69
CA PHE A 322 -12.29 15.69 -0.53
C PHE A 322 -10.79 15.49 -0.29
N TYR A 323 -9.96 16.23 -1.03
CA TYR A 323 -8.51 16.07 -0.87
C TYR A 323 -8.04 16.54 0.50
N VAL A 324 -8.49 17.71 0.94
CA VAL A 324 -8.04 18.23 2.22
C VAL A 324 -8.54 17.34 3.36
N LEU A 325 -9.78 16.83 3.25
CA LEU A 325 -10.29 15.96 4.29
C LEU A 325 -9.60 14.61 4.28
N SER A 326 -9.18 14.12 3.11
CA SER A 326 -8.40 12.88 3.05
C SER A 326 -7.06 13.07 3.73
N PHE A 327 -6.40 14.20 3.49
CA PHE A 327 -5.14 14.50 4.18
C PHE A 327 -5.35 14.53 5.69
N CYS A 328 -6.39 15.25 6.14
CA CYS A 328 -6.63 15.37 7.57
C CYS A 328 -6.98 14.03 8.21
N LYS A 329 -7.72 13.18 7.48
CA LYS A 329 -8.10 11.88 8.02
C LYS A 329 -6.93 10.93 8.07
N SER A 330 -6.06 10.96 7.05
CA SER A 330 -4.89 10.09 7.06
C SER A 330 -3.86 10.54 8.08
N ALA A 331 -3.83 11.84 8.40
CA ALA A 331 -2.90 12.31 9.42
C ALA A 331 -3.27 11.88 10.83
N VAL A 332 -4.46 11.31 11.02
CA VAL A 332 -4.93 10.98 12.36
C VAL A 332 -4.53 9.57 12.80
N VAL A 333 -4.45 8.62 11.86
CA VAL A 333 -4.21 7.22 12.24
C VAL A 333 -2.87 7.05 12.95
N PRO A 334 -1.73 7.56 12.43
CA PRO A 334 -0.54 7.62 13.27
C PRO A 334 -0.77 8.26 14.63
N LEU A 335 -1.50 9.38 14.68
CA LEU A 335 -1.69 10.08 15.95
C LEU A 335 -2.45 9.21 16.94
N ALA A 336 -3.60 8.69 16.54
CA ALA A 336 -4.40 7.87 17.45
C ALA A 336 -3.63 6.61 17.86
N SER A 337 -2.91 6.01 16.92
CA SER A 337 -2.20 4.77 17.23
C SER A 337 -1.03 5.00 18.19
N VAL A 338 -0.32 6.12 18.04
CA VAL A 338 0.95 6.31 18.73
C VAL A 338 0.80 7.16 19.99
N SER A 339 0.15 8.32 19.88
CA SER A 339 0.16 9.31 20.96
C SER A 339 -1.09 9.26 21.83
N VAL A 340 -2.27 9.38 21.24
CA VAL A 340 -3.47 9.65 22.01
C VAL A 340 -3.88 8.42 22.82
N ILE A 341 -4.16 7.30 22.14
CA ILE A 341 -4.69 6.12 22.84
C ILE A 341 -3.74 5.60 23.90
N PRO A 342 -2.42 5.44 23.65
CA PRO A 342 -1.53 5.09 24.76
C PRO A 342 -1.55 6.09 25.89
N TYR A 343 -1.71 7.38 25.60
CA TYR A 343 -1.81 8.38 26.66
C TYR A 343 -3.06 8.15 27.51
N CYS A 344 -4.20 7.91 26.86
CA CYS A 344 -5.44 7.67 27.59
C CYS A 344 -5.31 6.42 28.45
N LEU A 345 -4.72 5.35 27.91
CA LEU A 345 -4.53 4.14 28.69
C LEU A 345 -3.55 4.37 29.84
N ALA A 346 -2.56 5.24 29.66
CA ALA A 346 -1.62 5.54 30.73
C ALA A 346 -2.31 6.27 31.88
N GLN A 347 -3.13 7.27 31.57
CA GLN A 347 -3.89 7.93 32.63
C GLN A 347 -5.08 7.12 33.13
N VAL A 348 -5.42 6.01 32.49
CA VAL A 348 -6.47 5.13 33.01
C VAL A 348 -5.90 4.08 33.94
N LEU A 349 -4.87 3.35 33.49
CA LEU A 349 -4.35 2.23 34.26
C LEU A 349 -3.65 2.67 35.53
N GLY A 350 -2.76 3.66 35.42
CA GLY A 350 -1.91 4.02 36.53
C GLY A 350 -2.41 5.16 37.39
N GLN A 351 -3.69 5.49 37.28
CA GLN A 351 -4.31 6.57 38.05
C GLN A 351 -5.53 6.04 38.76
N PRO A 352 -5.35 5.34 39.90
CA PRO A 352 -6.46 4.78 40.68
C PRO A 352 -6.97 5.74 41.73
C1 BG6 B . -2.12 1.53 -4.53
C2 BG6 B . -2.92 2.83 -4.63
O1 BG6 B . -0.84 1.82 -4.17
O5 BG6 B . -2.10 0.82 -5.82
C3 BG6 B . -4.28 2.59 -5.13
O2 BG6 B . -3.00 3.43 -3.33
C4 BG6 B . -4.29 1.85 -6.40
O3 BG6 B . -4.95 3.89 -5.33
C5 BG6 B . -3.45 0.57 -6.34
O4 BG6 B . -5.65 1.49 -6.73
C6 BG6 B . -3.34 0.01 -7.72
O6 BG6 B . -3.00 -1.33 -7.64
P BG6 B . -2.73 -2.12 -9.05
O1P BG6 B . -1.47 -2.95 -8.94
O2P BG6 B . -3.89 -3.04 -9.36
O3P BG6 B . -2.59 -1.13 -10.17
P POV C . -12.53 -7.87 9.60
C1 POV C . -12.68 -6.12 7.65
C2 POV C . -11.47 -5.65 6.84
C3 POV C . -11.95 -4.94 5.58
O11 POV C . -12.46 -7.46 8.01
O12 POV C . -11.77 -9.16 9.82
O13 POV C . -13.97 -8.07 10.03
O14 POV C . -11.91 -6.78 10.43
C21 POV C . -9.41 -6.74 7.11
O21 POV C . -10.66 -6.73 6.50
C22 POV C . -8.28 -7.59 6.54
O22 POV C . -9.22 -6.07 8.08
C23 POV C . -7.11 -7.71 7.51
C24 POV C . -6.00 -8.59 6.95
C25 POV C . -4.65 -8.39 7.65
C26 POV C . -3.49 -8.94 6.83
C27 POV C . -3.22 -10.42 7.09
C28 POV C . -2.92 -11.19 5.82
C29 POV C . -2.70 -12.68 6.07
C31 POV C . -11.05 -3.47 4.01
O31 POV C . -10.83 -4.59 4.82
C32 POV C . -10.31 -3.35 2.69
O32 POV C . -11.79 -2.62 4.36
C33 POV C . -10.01 -1.89 2.36
C34 POV C . -11.14 -1.22 1.57
C35 POV C . -11.70 0.00 2.29
C36 POV C . -11.95 1.17 1.33
C37 POV C . -10.67 1.61 0.62
C38 POV C . -10.35 3.07 0.90
C21 POV D . 12.50 1.54 -8.61
O21 POV D . 13.41 1.54 -9.67
C22 POV D . 13.00 1.69 -7.17
O22 POV D . 11.34 1.41 -8.82
C23 POV D . 14.43 1.16 -7.00
C24 POV D . 14.73 0.78 -5.55
C25 POV D . 15.64 1.78 -4.86
C26 POV D . 14.89 2.99 -4.31
C27 POV D . 15.65 3.73 -3.21
C28 POV D . 14.86 3.78 -1.90
C29 POV D . 15.40 4.84 -0.94
C21 POV E . 5.67 -15.30 -25.67
O21 POV E . 6.96 -15.51 -26.19
C22 POV E . 5.47 -15.05 -24.18
O22 POV E . 4.74 -15.33 -26.40
C23 POV E . 6.20 -13.81 -23.70
C24 POV E . 5.53 -13.17 -22.49
C25 POV E . 6.50 -12.98 -21.32
C26 POV E . 5.83 -12.36 -20.10
C27 POV E . 6.26 -13.01 -18.79
C28 POV E . 6.67 -11.98 -17.74
#